data_2YZO
#
_entry.id   2YZO
#
_cell.length_a   65.791
_cell.length_b   71.732
_cell.length_c   181.822
_cell.angle_alpha   90.00
_cell.angle_beta   90.00
_cell.angle_gamma   90.00
#
_symmetry.space_group_name_H-M   'C 2 2 21'
#
loop_
_entity.id
_entity.type
_entity.pdbx_description
1 polymer 'Probable 2-phosphosulfolactate phosphatase'
2 non-polymer D-MALATE
3 water water
#
_entity_poly.entity_id   1
_entity_poly.type   'polypeptide(L)'
_entity_poly.pdbx_seq_one_letter_code
;MVDVVMAPCSPVECRTAVVIDVLRATSTIVTALSNGASGVIPVKTIEEALEKKKEGVLICGERNAQKPKGFNLGNSPLEY
RKEKISGKTIVLTTTNGTQVIEKIRSEEIIAASFLNLSAVVEYLKSKEDILLVCAGTNGRFSLEDFLLAGAIVKRLKRND
LGDGAHAAERYFESVENTREEIKKHSSHAKRLISLGFENDIEFCTTEDLFKTVPALVNGVFILKEFP
;
_entity_poly.pdbx_strand_id   A,B
#
# COMPACT_ATOMS: atom_id res chain seq x y z
N VAL A 2 -3.00 -13.56 -8.74
CA VAL A 2 -2.36 -13.29 -7.43
C VAL A 2 -2.00 -11.81 -7.32
N ASP A 3 -2.33 -11.19 -6.20
CA ASP A 3 -1.99 -9.78 -6.03
C ASP A 3 -1.59 -9.57 -4.58
N VAL A 4 -1.08 -8.37 -4.30
CA VAL A 4 -0.64 -8.00 -2.96
C VAL A 4 -1.22 -6.64 -2.62
N VAL A 5 -1.68 -6.48 -1.38
CA VAL A 5 -2.21 -5.21 -0.93
C VAL A 5 -1.52 -4.92 0.39
N MET A 6 -1.18 -3.66 0.61
CA MET A 6 -0.48 -3.21 1.82
C MET A 6 -1.45 -2.40 2.68
N ALA A 7 -1.79 -2.91 3.85
CA ALA A 7 -2.71 -2.21 4.75
C ALA A 7 -3.95 -1.71 4.03
N PRO A 8 -4.84 -2.63 3.59
CA PRO A 8 -6.07 -2.28 2.89
C PRO A 8 -7.02 -1.43 3.74
N CYS A 9 -7.70 -0.48 3.11
CA CYS A 9 -8.62 0.41 3.82
C CYS A 9 -10.03 -0.11 3.88
N SER A 10 -10.49 -0.72 2.79
CA SER A 10 -11.84 -1.24 2.74
C SER A 10 -11.82 -2.74 2.51
N PRO A 11 -12.95 -3.43 2.77
CA PRO A 11 -12.98 -4.88 2.58
C PRO A 11 -12.53 -5.29 1.18
N VAL A 12 -11.55 -6.18 1.14
CA VAL A 12 -11.03 -6.70 -0.11
C VAL A 12 -11.47 -8.15 -0.24
N GLU A 13 -12.05 -8.49 -1.39
CA GLU A 13 -12.53 -9.85 -1.62
C GLU A 13 -11.60 -10.71 -2.46
N CYS A 14 -11.59 -12.00 -2.14
CA CYS A 14 -10.78 -12.97 -2.86
C CYS A 14 -11.04 -14.34 -2.24
N ARG A 15 -11.03 -15.38 -3.06
CA ARG A 15 -11.30 -16.73 -2.59
C ARG A 15 -10.32 -17.20 -1.53
N THR A 16 -9.05 -16.86 -1.69
CA THR A 16 -8.04 -17.26 -0.73
C THR A 16 -7.19 -16.06 -0.35
N ALA A 17 -6.99 -15.83 0.95
CA ALA A 17 -6.19 -14.71 1.38
C ALA A 17 -5.07 -15.19 2.28
N VAL A 18 -3.96 -14.46 2.26
CA VAL A 18 -2.80 -14.77 3.08
C VAL A 18 -2.48 -13.53 3.88
N VAL A 19 -2.62 -13.60 5.20
CA VAL A 19 -2.34 -12.45 6.05
C VAL A 19 -0.87 -12.47 6.39
N ILE A 20 -0.19 -11.33 6.22
CA ILE A 20 1.23 -11.23 6.49
C ILE A 20 1.54 -10.10 7.47
N ASP A 21 2.20 -10.46 8.57
CA ASP A 21 2.59 -9.51 9.61
C ASP A 21 3.79 -10.22 10.21
N VAL A 22 4.86 -10.22 9.44
CA VAL A 22 6.10 -10.89 9.78
C VAL A 22 6.71 -10.43 11.06
N LEU A 23 6.90 -9.13 11.19
CA LEU A 23 7.52 -8.71 12.40
C LEU A 23 6.49 -8.75 13.45
N ARG A 24 6.40 -10.02 13.86
CA ARG A 24 5.62 -10.60 14.91
C ARG A 24 4.22 -11.18 14.83
N ALA A 25 3.14 -10.42 14.67
CA ALA A 25 1.81 -11.09 14.70
C ALA A 25 1.62 -12.44 13.99
N THR A 26 1.90 -12.52 12.69
CA THR A 26 1.72 -13.81 12.03
C THR A 26 2.84 -14.77 12.42
N SER A 27 4.02 -14.23 12.74
CA SER A 27 5.11 -15.10 13.16
C SER A 27 4.67 -15.68 14.52
N THR A 28 4.02 -14.86 15.33
CA THR A 28 3.52 -15.31 16.63
C THR A 28 2.44 -16.37 16.46
N ILE A 29 1.50 -16.13 15.56
CA ILE A 29 0.44 -17.09 15.31
C ILE A 29 1.01 -18.43 14.85
N VAL A 30 1.94 -18.38 13.89
CA VAL A 30 2.54 -19.60 13.38
C VAL A 30 3.30 -20.36 14.47
N THR A 31 4.09 -19.64 15.26
CA THR A 31 4.85 -20.26 16.33
C THR A 31 3.96 -20.87 17.40
N ALA A 32 2.96 -20.12 17.85
CA ALA A 32 2.04 -20.58 18.88
C ALA A 32 1.34 -21.89 18.49
N LEU A 33 0.75 -21.93 17.31
CA LEU A 33 0.05 -23.12 16.86
C LEU A 33 0.99 -24.28 16.57
N SER A 34 2.17 -23.98 16.05
CA SER A 34 3.16 -25.00 15.75
C SER A 34 3.66 -25.65 17.04
N ASN A 35 3.59 -24.91 18.14
CA ASN A 35 4.05 -25.43 19.42
C ASN A 35 2.97 -25.93 20.37
N GLY A 36 1.77 -26.21 19.85
CA GLY A 36 0.73 -26.75 20.70
C GLY A 36 -0.51 -25.96 21.05
N ALA A 37 -0.49 -24.64 20.88
CA ALA A 37 -1.68 -23.84 21.21
C ALA A 37 -2.88 -24.45 20.49
N SER A 38 -4.04 -24.41 21.14
CA SER A 38 -5.28 -24.95 20.58
C SER A 38 -5.81 -24.04 19.48
N GLY A 39 -5.50 -22.76 19.61
CA GLY A 39 -5.96 -21.78 18.64
C GLY A 39 -5.54 -20.41 19.10
N VAL A 40 -5.65 -19.44 18.20
CA VAL A 40 -5.28 -18.07 18.52
C VAL A 40 -6.44 -17.18 18.10
N ILE A 41 -7.05 -16.53 19.08
CA ILE A 41 -8.19 -15.65 18.83
C ILE A 41 -7.80 -14.19 18.79
N PRO A 42 -7.91 -13.55 17.62
CA PRO A 42 -7.56 -12.14 17.48
C PRO A 42 -8.62 -11.29 18.17
N VAL A 43 -8.19 -10.35 19.01
CA VAL A 43 -9.09 -9.49 19.74
C VAL A 43 -8.67 -8.03 19.55
N LYS A 44 -9.66 -7.14 19.39
CA LYS A 44 -9.40 -5.72 19.17
C LYS A 44 -8.83 -4.93 20.34
N THR A 45 -9.59 -4.81 21.42
CA THR A 45 -9.14 -4.03 22.57
C THR A 45 -8.55 -4.84 23.71
N ILE A 46 -7.75 -4.16 24.55
CA ILE A 46 -7.14 -4.80 25.71
C ILE A 46 -8.24 -5.20 26.69
N GLU A 47 -9.30 -4.40 26.71
CA GLU A 47 -10.44 -4.65 27.59
C GLU A 47 -11.06 -5.99 27.23
N GLU A 48 -11.34 -6.16 25.94
CA GLU A 48 -11.93 -7.40 25.45
C GLU A 48 -11.07 -8.59 25.83
N ALA A 49 -9.78 -8.48 25.56
CA ALA A 49 -8.82 -9.54 25.85
C ALA A 49 -8.90 -9.99 27.31
N LEU A 50 -8.85 -9.02 28.23
CA LEU A 50 -8.89 -9.34 29.66
C LEU A 50 -10.18 -10.04 30.08
N GLU A 51 -11.28 -9.78 29.38
CA GLU A 51 -12.56 -10.38 29.69
C GLU A 51 -12.66 -11.86 29.30
N LYS A 52 -11.70 -12.33 28.51
CA LYS A 52 -11.70 -13.71 28.07
C LYS A 52 -10.85 -14.60 28.96
N LYS A 53 -10.30 -14.01 30.02
CA LYS A 53 -9.45 -14.75 30.95
C LYS A 53 -10.23 -15.89 31.59
N LYS A 54 -9.60 -17.06 31.68
CA LYS A 54 -10.19 -18.25 32.28
C LYS A 54 -9.21 -19.41 32.16
N GLU A 55 -9.55 -20.54 32.75
CA GLU A 55 -8.69 -21.72 32.70
C GLU A 55 -8.48 -22.16 31.26
N GLY A 56 -7.22 -22.43 30.91
CA GLY A 56 -6.91 -22.88 29.56
C GLY A 56 -6.72 -21.75 28.55
N VAL A 57 -6.82 -20.51 29.03
CA VAL A 57 -6.67 -19.34 28.15
C VAL A 57 -5.60 -18.37 28.62
N LEU A 58 -4.77 -17.92 27.67
CA LEU A 58 -3.71 -16.97 27.96
C LEU A 58 -4.03 -15.64 27.26
N ILE A 59 -3.87 -14.55 27.99
CA ILE A 59 -4.12 -13.23 27.43
C ILE A 59 -2.76 -12.76 26.94
N CYS A 60 -2.66 -12.51 25.64
CA CYS A 60 -1.38 -12.10 25.06
C CYS A 60 -1.51 -10.93 24.09
N GLY A 61 -0.37 -10.33 23.75
CA GLY A 61 -0.41 -9.22 22.82
C GLY A 61 0.55 -8.10 23.11
N GLU A 62 0.30 -6.97 22.48
CA GLU A 62 1.17 -5.83 22.66
C GLU A 62 0.51 -4.49 22.38
N ARG A 63 1.19 -3.46 22.86
CA ARG A 63 0.83 -2.07 22.67
C ARG A 63 2.21 -1.45 22.71
N ASN A 64 2.55 -0.69 21.66
CA ASN A 64 3.86 -0.07 21.56
C ASN A 64 4.94 -1.15 21.59
N ALA A 65 4.56 -2.34 21.13
CA ALA A 65 5.46 -3.50 21.05
C ALA A 65 5.73 -4.23 22.37
N GLN A 66 5.20 -3.69 23.46
CA GLN A 66 5.43 -4.30 24.78
C GLN A 66 4.19 -4.96 25.38
N LYS A 67 4.41 -5.98 26.21
CA LYS A 67 3.32 -6.70 26.86
C LYS A 67 2.61 -5.82 27.88
N PRO A 68 1.29 -5.63 27.72
CA PRO A 68 0.50 -4.80 28.63
C PRO A 68 0.33 -5.47 30.01
N LYS A 69 0.07 -4.65 31.02
CA LYS A 69 -0.13 -5.14 32.38
C LYS A 69 -1.30 -6.12 32.45
N GLY A 70 -1.12 -7.21 33.18
CA GLY A 70 -2.19 -8.19 33.32
C GLY A 70 -2.17 -9.25 32.23
N PHE A 71 -1.24 -9.12 31.28
CA PHE A 71 -1.12 -10.07 30.19
C PHE A 71 -0.14 -11.17 30.53
N ASN A 72 -0.39 -12.37 30.01
CA ASN A 72 0.47 -13.52 30.23
C ASN A 72 1.71 -13.49 29.36
N LEU A 73 1.54 -13.22 28.07
CA LEU A 73 2.65 -13.15 27.14
C LEU A 73 2.56 -11.89 26.29
N GLY A 74 3.71 -11.46 25.76
CA GLY A 74 3.74 -10.28 24.92
C GLY A 74 3.54 -10.72 23.49
N ASN A 75 4.22 -10.10 22.54
CA ASN A 75 4.08 -10.50 21.15
C ASN A 75 5.40 -10.98 20.54
N SER A 76 6.27 -11.51 21.39
CA SER A 76 7.54 -12.05 20.92
C SER A 76 7.33 -13.53 20.66
N PRO A 77 7.48 -13.99 19.41
CA PRO A 77 7.28 -15.41 19.10
C PRO A 77 8.06 -16.34 20.04
N LEU A 78 9.21 -15.88 20.50
CA LEU A 78 10.07 -16.67 21.40
C LEU A 78 9.47 -17.00 22.76
N GLU A 79 8.40 -16.30 23.16
CA GLU A 79 7.76 -16.55 24.44
C GLU A 79 6.80 -17.75 24.32
N TYR A 80 6.39 -18.03 23.10
CA TYR A 80 5.44 -19.09 22.84
C TYR A 80 6.03 -20.49 22.76
N ARG A 81 6.66 -20.91 23.86
CA ARG A 81 7.28 -22.22 23.95
C ARG A 81 6.23 -23.29 24.22
N LYS A 82 6.39 -24.45 23.60
CA LYS A 82 5.45 -25.56 23.75
C LYS A 82 5.09 -25.83 25.22
N GLU A 83 6.10 -25.98 26.06
CA GLU A 83 5.87 -26.25 27.47
C GLU A 83 5.30 -25.05 28.23
N LYS A 84 4.83 -24.05 27.49
CA LYS A 84 4.26 -22.86 28.11
C LYS A 84 2.87 -22.55 27.58
N ILE A 85 2.56 -23.01 26.37
CA ILE A 85 1.25 -22.74 25.77
C ILE A 85 0.57 -23.96 25.18
N SER A 86 1.26 -25.11 25.19
CA SER A 86 0.68 -26.32 24.63
C SER A 86 -0.70 -26.61 25.20
N GLY A 87 -1.68 -26.80 24.31
CA GLY A 87 -3.04 -27.08 24.74
C GLY A 87 -3.82 -25.89 25.24
N LYS A 88 -3.21 -24.71 25.24
CA LYS A 88 -3.87 -23.51 25.71
C LYS A 88 -4.44 -22.64 24.58
N THR A 89 -5.54 -21.95 24.86
CA THR A 89 -6.13 -21.06 23.87
C THR A 89 -5.43 -19.71 24.04
N ILE A 90 -4.96 -19.14 22.93
CA ILE A 90 -4.27 -17.86 22.99
C ILE A 90 -5.17 -16.71 22.58
N VAL A 91 -5.29 -15.71 23.46
CA VAL A 91 -6.08 -14.53 23.14
C VAL A 91 -5.02 -13.53 22.73
N LEU A 92 -5.03 -13.10 21.47
CA LEU A 92 -4.01 -12.18 20.98
C LEU A 92 -4.57 -10.86 20.52
N THR A 93 -4.06 -9.78 21.11
CA THR A 93 -4.47 -8.45 20.71
C THR A 93 -3.25 -7.61 20.38
N THR A 94 -3.18 -7.13 19.14
CA THR A 94 -2.09 -6.28 18.73
C THR A 94 -2.68 -4.94 18.33
N THR A 95 -1.83 -3.92 18.28
CA THR A 95 -2.25 -2.57 17.96
C THR A 95 -3.29 -2.42 16.85
N ASN A 96 -3.11 -3.14 15.75
CA ASN A 96 -4.05 -3.06 14.64
C ASN A 96 -4.50 -4.41 14.09
N GLY A 97 -4.22 -5.46 14.84
CA GLY A 97 -4.58 -6.80 14.42
C GLY A 97 -5.96 -6.94 13.81
N THR A 98 -7.00 -6.81 14.62
CA THR A 98 -8.37 -6.94 14.11
C THR A 98 -8.67 -5.94 13.00
N GLN A 99 -8.02 -4.78 13.07
CA GLN A 99 -8.20 -3.74 12.06
C GLN A 99 -7.91 -4.29 10.66
N VAL A 100 -6.78 -4.95 10.51
CA VAL A 100 -6.38 -5.51 9.23
C VAL A 100 -7.21 -6.74 8.85
N ILE A 101 -7.37 -7.66 9.79
CA ILE A 101 -8.15 -8.88 9.55
C ILE A 101 -9.56 -8.57 9.07
N GLU A 102 -10.19 -7.58 9.69
CA GLU A 102 -11.56 -7.19 9.33
C GLU A 102 -11.74 -6.78 7.87
N LYS A 103 -10.66 -6.37 7.23
CA LYS A 103 -10.73 -5.95 5.84
C LYS A 103 -10.68 -7.14 4.87
N ILE A 104 -10.39 -8.33 5.39
CA ILE A 104 -10.27 -9.50 4.53
C ILE A 104 -11.58 -10.25 4.34
N ARG A 105 -12.19 -10.02 3.19
CA ARG A 105 -13.46 -10.66 2.87
C ARG A 105 -13.15 -11.95 2.11
N SER A 106 -12.76 -12.99 2.84
CA SER A 106 -12.43 -14.27 2.21
C SER A 106 -12.84 -15.44 3.10
N GLU A 107 -13.26 -16.53 2.47
CA GLU A 107 -13.66 -17.72 3.22
C GLU A 107 -12.43 -18.52 3.61
N GLU A 108 -11.34 -18.34 2.87
CA GLU A 108 -10.10 -19.03 3.16
C GLU A 108 -9.01 -18.02 3.48
N ILE A 109 -8.62 -17.96 4.75
CA ILE A 109 -7.59 -17.03 5.20
C ILE A 109 -6.50 -17.75 5.97
N ILE A 110 -5.26 -17.67 5.49
CA ILE A 110 -4.16 -18.32 6.17
C ILE A 110 -3.11 -17.32 6.65
N ALA A 111 -2.29 -17.73 7.62
CA ALA A 111 -1.26 -16.85 8.15
C ALA A 111 0.10 -17.27 7.62
N ALA A 112 0.90 -16.30 7.19
CA ALA A 112 2.20 -16.61 6.66
C ALA A 112 3.34 -15.84 7.31
N SER A 113 4.49 -16.50 7.40
CA SER A 113 5.70 -15.90 7.94
C SER A 113 6.87 -16.59 7.24
N PHE A 114 8.08 -16.09 7.44
CA PHE A 114 9.24 -16.73 6.85
C PHE A 114 9.33 -18.11 7.50
N LEU A 115 8.90 -18.18 8.75
CA LEU A 115 8.92 -19.43 9.52
C LEU A 115 8.22 -20.62 8.85
N ASN A 116 7.16 -20.36 8.08
CA ASN A 116 6.45 -21.45 7.41
C ASN A 116 6.26 -21.19 5.92
N LEU A 117 7.22 -20.46 5.34
CA LEU A 117 7.19 -20.09 3.93
C LEU A 117 6.91 -21.22 2.93
N SER A 118 7.72 -22.28 2.95
CA SER A 118 7.50 -23.36 1.99
C SER A 118 6.15 -24.01 2.20
N ALA A 119 5.74 -24.16 3.46
CA ALA A 119 4.45 -24.76 3.79
C ALA A 119 3.31 -23.92 3.20
N VAL A 120 3.45 -22.60 3.28
CA VAL A 120 2.45 -21.71 2.72
C VAL A 120 2.43 -21.83 1.20
N VAL A 121 3.61 -21.88 0.60
CA VAL A 121 3.72 -22.01 -0.85
C VAL A 121 3.03 -23.28 -1.36
N GLU A 122 3.30 -24.41 -0.70
CA GLU A 122 2.72 -25.68 -1.12
C GLU A 122 1.20 -25.66 -0.97
N TYR A 123 0.72 -25.02 0.09
CA TYR A 123 -0.70 -24.90 0.36
C TYR A 123 -1.42 -24.12 -0.75
N LEU A 124 -0.77 -23.05 -1.22
CA LEU A 124 -1.33 -22.18 -2.25
C LEU A 124 -1.19 -22.70 -3.68
N LYS A 125 -0.41 -23.76 -3.86
CA LYS A 125 -0.20 -24.32 -5.20
C LYS A 125 -1.49 -24.65 -5.93
N SER A 126 -2.51 -25.08 -5.18
CA SER A 126 -3.78 -25.45 -5.79
C SER A 126 -4.89 -24.44 -5.53
N LYS A 127 -4.53 -23.16 -5.43
CA LYS A 127 -5.51 -22.12 -5.19
C LYS A 127 -5.66 -21.17 -6.37
N GLU A 128 -6.90 -21.01 -6.83
CA GLU A 128 -7.22 -20.13 -7.95
C GLU A 128 -6.82 -18.69 -7.72
N ASP A 129 -7.70 -17.96 -7.03
CA ASP A 129 -7.49 -16.55 -6.75
C ASP A 129 -6.78 -16.42 -5.40
N ILE A 130 -5.77 -15.56 -5.35
CA ILE A 130 -5.00 -15.36 -4.12
C ILE A 130 -4.67 -13.91 -3.88
N LEU A 131 -4.89 -13.45 -2.65
CA LEU A 131 -4.57 -12.09 -2.29
C LEU A 131 -3.68 -12.15 -1.06
N LEU A 132 -2.47 -11.61 -1.19
CA LEU A 132 -1.53 -11.56 -0.08
C LEU A 132 -1.79 -10.20 0.56
N VAL A 133 -2.19 -10.23 1.82
CA VAL A 133 -2.53 -9.02 2.55
C VAL A 133 -1.49 -8.67 3.60
N CYS A 134 -0.67 -7.66 3.31
CA CYS A 134 0.36 -7.21 4.25
C CYS A 134 -0.31 -6.25 5.24
N ALA A 135 -0.03 -6.44 6.53
CA ALA A 135 -0.65 -5.64 7.58
C ALA A 135 -0.19 -4.19 7.64
N GLY A 136 1.06 -3.93 7.28
CA GLY A 136 1.55 -2.57 7.35
C GLY A 136 1.99 -2.25 8.78
N THR A 137 2.55 -1.06 8.97
CA THR A 137 3.02 -0.62 10.28
C THR A 137 2.35 0.71 10.59
N ASN A 138 1.34 0.67 11.46
CA ASN A 138 0.59 1.87 11.82
C ASN A 138 0.10 2.60 10.59
N GLY A 139 -0.36 1.84 9.60
CA GLY A 139 -0.87 2.44 8.38
C GLY A 139 0.17 2.73 7.31
N ARG A 140 1.44 2.59 7.66
CA ARG A 140 2.53 2.83 6.72
C ARG A 140 3.01 1.52 6.09
N PHE A 141 3.80 1.65 5.03
CA PHE A 141 4.34 0.51 4.30
C PHE A 141 5.24 -0.33 5.22
N SER A 142 5.09 -1.66 5.16
CA SER A 142 5.92 -2.57 5.94
C SER A 142 6.87 -3.30 5.01
N LEU A 143 8.15 -2.95 5.03
CA LEU A 143 9.12 -3.60 4.15
C LEU A 143 9.19 -5.11 4.32
N GLU A 144 9.25 -5.57 5.57
CA GLU A 144 9.37 -7.01 5.81
C GLU A 144 8.17 -7.80 5.29
N ASP A 145 6.98 -7.21 5.38
CA ASP A 145 5.77 -7.90 4.88
C ASP A 145 5.82 -7.99 3.36
N PHE A 146 6.21 -6.89 2.73
CA PHE A 146 6.30 -6.81 1.28
C PHE A 146 7.34 -7.82 0.78
N LEU A 147 8.44 -7.96 1.52
CA LEU A 147 9.49 -8.89 1.15
C LEU A 147 8.97 -10.33 1.19
N LEU A 148 8.25 -10.69 2.25
CA LEU A 148 7.71 -12.04 2.34
C LEU A 148 6.70 -12.25 1.20
N ALA A 149 5.88 -11.25 0.94
CA ALA A 149 4.89 -11.36 -0.13
C ALA A 149 5.59 -11.65 -1.45
N GLY A 150 6.68 -10.92 -1.72
CA GLY A 150 7.44 -11.13 -2.94
C GLY A 150 8.05 -12.52 -3.03
N ALA A 151 8.57 -13.02 -1.91
CA ALA A 151 9.18 -14.35 -1.85
C ALA A 151 8.14 -15.40 -2.22
N ILE A 152 6.94 -15.22 -1.69
CA ILE A 152 5.82 -16.12 -1.95
C ILE A 152 5.42 -16.10 -3.42
N VAL A 153 5.26 -14.92 -3.97
CA VAL A 153 4.88 -14.80 -5.38
C VAL A 153 5.90 -15.50 -6.26
N LYS A 154 7.17 -15.29 -5.96
CA LYS A 154 8.28 -15.91 -6.70
C LYS A 154 8.14 -17.42 -6.72
N ARG A 155 7.90 -18.01 -5.55
CA ARG A 155 7.77 -19.45 -5.44
C ARG A 155 6.49 -20.05 -6.02
N LEU A 156 5.45 -19.25 -6.14
CA LEU A 156 4.20 -19.73 -6.71
C LEU A 156 4.33 -20.03 -8.19
N LYS A 157 5.30 -19.40 -8.84
CA LYS A 157 5.53 -19.62 -10.27
C LYS A 157 4.28 -19.30 -11.08
N ARG A 158 3.66 -18.15 -10.80
CA ARG A 158 2.45 -17.73 -11.51
C ARG A 158 2.76 -16.64 -12.53
N ASN A 159 1.85 -16.45 -13.49
CA ASN A 159 2.01 -15.44 -14.52
C ASN A 159 0.94 -14.38 -14.33
N ASP A 160 -0.17 -14.79 -13.73
CA ASP A 160 -1.30 -13.90 -13.49
C ASP A 160 -1.13 -13.07 -12.22
N LEU A 161 -0.20 -12.11 -12.26
CA LEU A 161 0.08 -11.25 -11.12
C LEU A 161 -0.50 -9.84 -11.22
N GLY A 162 -1.13 -9.40 -10.15
CA GLY A 162 -1.68 -8.06 -10.11
C GLY A 162 -0.52 -7.12 -9.84
N ASP A 163 -0.76 -5.81 -9.83
CA ASP A 163 0.28 -4.81 -9.61
C ASP A 163 1.12 -5.04 -8.36
N GLY A 164 0.46 -5.29 -7.23
CA GLY A 164 1.17 -5.50 -5.99
C GLY A 164 2.09 -6.71 -6.01
N ALA A 165 1.62 -7.81 -6.61
CA ALA A 165 2.44 -9.02 -6.66
C ALA A 165 3.67 -8.81 -7.52
N HIS A 166 3.49 -8.14 -8.66
CA HIS A 166 4.61 -7.89 -9.56
C HIS A 166 5.65 -6.99 -8.88
N ALA A 167 5.19 -5.93 -8.24
CA ALA A 167 6.12 -5.01 -7.58
C ALA A 167 6.83 -5.70 -6.42
N ALA A 168 6.12 -6.59 -5.71
CA ALA A 168 6.71 -7.31 -4.59
C ALA A 168 7.76 -8.30 -5.09
N GLU A 169 7.45 -9.00 -6.19
CA GLU A 169 8.40 -9.96 -6.72
C GLU A 169 9.68 -9.25 -7.20
N ARG A 170 9.52 -8.14 -7.91
CA ARG A 170 10.68 -7.38 -8.40
C ARG A 170 11.51 -6.86 -7.23
N TYR A 171 10.84 -6.42 -6.17
CA TYR A 171 11.55 -5.94 -5.02
C TYR A 171 12.34 -7.09 -4.41
N PHE A 172 11.68 -8.24 -4.21
CA PHE A 172 12.33 -9.41 -3.65
C PHE A 172 13.60 -9.77 -4.44
N GLU A 173 13.54 -9.63 -5.75
CA GLU A 173 14.68 -9.96 -6.61
C GLU A 173 15.87 -9.03 -6.38
N SER A 174 15.61 -7.86 -5.80
CA SER A 174 16.67 -6.89 -5.55
C SER A 174 17.42 -7.16 -4.25
N VAL A 175 16.86 -8.03 -3.42
CA VAL A 175 17.44 -8.33 -2.12
C VAL A 175 18.51 -9.42 -2.12
N GLU A 176 19.69 -9.06 -1.61
CA GLU A 176 20.79 -10.01 -1.52
C GLU A 176 20.67 -10.88 -0.28
N ASN A 177 20.23 -10.29 0.83
CA ASN A 177 20.06 -11.03 2.07
C ASN A 177 18.85 -10.53 2.86
N THR A 178 17.84 -11.40 2.94
CA THR A 178 16.59 -11.10 3.63
C THR A 178 16.76 -10.46 5.00
N ARG A 179 17.47 -11.15 5.89
CA ARG A 179 17.70 -10.63 7.23
C ARG A 179 18.37 -9.26 7.24
N GLU A 180 19.45 -9.11 6.50
CA GLU A 180 20.14 -7.83 6.46
C GLU A 180 19.30 -6.72 5.83
N GLU A 181 18.53 -7.07 4.81
CA GLU A 181 17.68 -6.09 4.15
C GLU A 181 16.70 -5.52 5.17
N ILE A 182 16.10 -6.40 5.94
CA ILE A 182 15.13 -5.99 6.96
C ILE A 182 15.77 -5.20 8.10
N LYS A 183 16.89 -5.68 8.64
CA LYS A 183 17.56 -4.99 9.74
C LYS A 183 17.99 -3.58 9.36
N LYS A 184 18.38 -3.39 8.10
CA LYS A 184 18.84 -2.10 7.63
C LYS A 184 17.77 -1.15 7.08
N HIS A 185 16.70 -1.69 6.51
CA HIS A 185 15.70 -0.82 5.90
C HIS A 185 14.28 -0.85 6.43
N SER A 186 13.99 -1.79 7.33
CA SER A 186 12.65 -1.83 7.90
C SER A 186 12.62 -0.94 9.14
N SER A 187 11.74 0.06 9.13
CA SER A 187 11.61 0.97 10.26
C SER A 187 11.08 0.25 11.51
N HIS A 188 10.18 -0.71 11.33
CA HIS A 188 9.65 -1.43 12.48
C HIS A 188 10.73 -2.38 13.03
N ALA A 189 11.47 -3.01 12.13
CA ALA A 189 12.55 -3.90 12.56
C ALA A 189 13.53 -3.09 13.41
N LYS A 190 13.90 -1.91 12.93
CA LYS A 190 14.83 -1.06 13.66
C LYS A 190 14.25 -0.66 15.01
N ARG A 191 12.93 -0.44 15.05
CA ARG A 191 12.26 -0.08 16.29
C ARG A 191 12.35 -1.26 17.28
N LEU A 192 12.00 -2.46 16.81
CA LEU A 192 12.07 -3.64 17.66
C LEU A 192 13.48 -3.90 18.17
N ILE A 193 14.47 -3.64 17.32
CA ILE A 193 15.87 -3.82 17.71
C ILE A 193 16.21 -2.84 18.83
N SER A 194 15.75 -1.60 18.69
CA SER A 194 15.99 -0.58 19.71
C SER A 194 15.33 -0.94 21.04
N LEU A 195 14.25 -1.70 20.97
CA LEU A 195 13.52 -2.09 22.17
C LEU A 195 14.02 -3.38 22.82
N GLY A 196 15.05 -4.00 22.23
CA GLY A 196 15.62 -5.22 22.77
C GLY A 196 15.10 -6.51 22.18
N PHE A 197 14.47 -6.43 21.01
CA PHE A 197 13.92 -7.61 20.36
C PHE A 197 14.71 -8.10 19.15
N GLU A 198 16.03 -7.91 19.13
CA GLU A 198 16.80 -8.38 17.99
C GLU A 198 16.61 -9.88 17.74
N ASN A 199 16.45 -10.65 18.82
CA ASN A 199 16.23 -12.08 18.73
C ASN A 199 14.98 -12.39 17.89
N ASP A 200 13.96 -11.54 18.03
CA ASP A 200 12.73 -11.70 17.27
C ASP A 200 12.99 -11.48 15.78
N ILE A 201 13.85 -10.51 15.48
CA ILE A 201 14.17 -10.22 14.08
C ILE A 201 14.85 -11.41 13.41
N GLU A 202 15.77 -12.04 14.13
CA GLU A 202 16.47 -13.18 13.57
C GLU A 202 15.55 -14.39 13.47
N PHE A 203 14.75 -14.61 14.51
CA PHE A 203 13.82 -15.72 14.53
C PHE A 203 12.76 -15.62 13.43
N CYS A 204 12.08 -14.46 13.38
CA CYS A 204 11.03 -14.22 12.39
C CYS A 204 11.50 -14.23 10.94
N THR A 205 12.79 -14.05 10.71
CA THR A 205 13.31 -14.06 9.35
C THR A 205 13.98 -15.41 9.05
N THR A 206 13.78 -16.38 9.95
CA THR A 206 14.35 -17.71 9.75
C THR A 206 13.33 -18.50 8.94
N GLU A 207 13.76 -19.03 7.79
CA GLU A 207 12.87 -19.78 6.92
C GLU A 207 12.64 -21.25 7.24
N ASP A 208 11.37 -21.63 7.20
CA ASP A 208 10.92 -23.01 7.41
C ASP A 208 11.26 -23.75 8.70
N LEU A 209 11.05 -23.11 9.85
CA LEU A 209 11.30 -23.79 11.10
C LEU A 209 10.07 -24.65 11.39
N PHE A 210 8.96 -24.29 10.74
CA PHE A 210 7.70 -24.98 10.91
C PHE A 210 7.07 -25.35 9.58
N LYS A 211 6.19 -26.34 9.59
CA LYS A 211 5.53 -26.79 8.39
C LYS A 211 4.02 -26.68 8.52
N THR A 212 3.57 -25.83 9.44
CA THR A 212 2.15 -25.64 9.67
C THR A 212 1.62 -24.45 8.87
N VAL A 213 0.31 -24.42 8.69
CA VAL A 213 -0.35 -23.33 7.97
C VAL A 213 -1.59 -22.91 8.75
N PRO A 214 -1.45 -21.93 9.65
CA PRO A 214 -2.60 -21.48 10.43
C PRO A 214 -3.69 -20.92 9.52
N ALA A 215 -4.94 -21.25 9.84
CA ALA A 215 -6.07 -20.76 9.05
C ALA A 215 -7.05 -20.11 9.99
N LEU A 216 -7.54 -18.93 9.62
CA LEU A 216 -8.51 -18.23 10.45
C LEU A 216 -9.87 -18.83 10.10
N VAL A 217 -10.42 -19.60 11.03
CA VAL A 217 -11.71 -20.24 10.81
C VAL A 217 -12.75 -19.62 11.72
N ASN A 218 -13.57 -18.75 11.14
CA ASN A 218 -14.62 -18.04 11.86
C ASN A 218 -14.15 -17.43 13.17
N GLY A 219 -13.17 -16.54 13.10
CA GLY A 219 -12.69 -15.86 14.30
C GLY A 219 -11.54 -16.46 15.08
N VAL A 220 -11.12 -17.67 14.71
CA VAL A 220 -10.03 -18.32 15.42
C VAL A 220 -9.02 -18.94 14.47
N PHE A 221 -7.75 -18.67 14.72
CA PHE A 221 -6.68 -19.25 13.91
C PHE A 221 -6.44 -20.65 14.49
N ILE A 222 -6.55 -21.67 13.65
CA ILE A 222 -6.34 -23.05 14.09
C ILE A 222 -5.58 -23.79 12.99
N LEU A 223 -5.25 -25.05 13.25
CA LEU A 223 -4.59 -25.88 12.26
C LEU A 223 -5.66 -26.88 11.80
N LYS A 224 -6.05 -26.79 10.52
CA LYS A 224 -7.06 -27.70 9.99
C LYS A 224 -6.49 -29.10 9.73
N VAL B 2 12.03 10.73 3.85
CA VAL B 2 11.09 10.56 2.70
C VAL B 2 10.50 9.17 2.74
N ASP B 3 9.20 9.07 2.49
CA ASP B 3 8.54 7.77 2.49
C ASP B 3 7.43 7.77 1.45
N VAL B 4 6.92 6.57 1.17
CA VAL B 4 5.85 6.41 0.20
C VAL B 4 4.69 5.64 0.81
N VAL B 5 3.47 6.14 0.59
CA VAL B 5 2.28 5.44 1.08
C VAL B 5 1.36 5.20 -0.11
N MET B 6 0.76 4.02 -0.15
CA MET B 6 -0.14 3.62 -1.24
C MET B 6 -1.58 3.53 -0.72
N ALA B 7 -2.43 4.42 -1.22
CA ALA B 7 -3.84 4.45 -0.81
C ALA B 7 -4.00 4.43 0.71
N PRO B 8 -3.54 5.51 1.38
CA PRO B 8 -3.62 5.64 2.84
C PRO B 8 -5.07 5.62 3.34
N CYS B 9 -5.27 5.03 4.51
CA CYS B 9 -6.59 4.89 5.10
C CYS B 9 -6.98 6.02 6.04
N SER B 10 -6.06 6.40 6.91
CA SER B 10 -6.34 7.47 7.87
C SER B 10 -5.48 8.68 7.52
N PRO B 11 -5.68 9.79 8.23
CA PRO B 11 -4.87 10.98 7.93
C PRO B 11 -3.37 10.74 8.01
N VAL B 12 -2.66 11.24 7.02
CA VAL B 12 -1.21 11.14 6.97
C VAL B 12 -0.71 12.56 7.18
N GLU B 13 0.33 12.72 7.99
CA GLU B 13 0.86 14.05 8.27
C GLU B 13 2.33 14.20 7.92
N CYS B 14 2.62 15.26 7.18
CA CYS B 14 3.97 15.56 6.75
C CYS B 14 4.02 17.04 6.39
N ARG B 15 5.23 17.56 6.16
CA ARG B 15 5.39 18.95 5.81
C ARG B 15 5.02 19.15 4.34
N THR B 16 5.63 18.34 3.47
CA THR B 16 5.37 18.41 2.04
C THR B 16 4.82 17.10 1.48
N ALA B 17 3.58 17.14 0.97
CA ALA B 17 2.95 15.94 0.42
C ALA B 17 2.86 15.99 -1.10
N VAL B 18 3.17 14.88 -1.75
CA VAL B 18 3.12 14.78 -3.20
C VAL B 18 2.07 13.74 -3.56
N VAL B 19 1.00 14.17 -4.21
CA VAL B 19 -0.07 13.26 -4.61
C VAL B 19 0.27 12.71 -5.99
N ILE B 20 0.18 11.38 -6.12
CA ILE B 20 0.51 10.70 -7.37
C ILE B 20 -0.65 9.82 -7.87
N ASP B 21 -1.08 10.09 -9.09
CA ASP B 21 -2.15 9.31 -9.72
C ASP B 21 -1.83 9.42 -11.20
N VAL B 22 -0.80 8.68 -11.60
CA VAL B 22 -0.27 8.71 -12.95
C VAL B 22 -1.28 8.39 -14.02
N LEU B 23 -1.95 7.27 -13.87
CA LEU B 23 -2.86 7.00 -14.92
C LEU B 23 -4.05 7.86 -14.73
N ARG B 24 -3.79 9.03 -15.29
CA ARG B 24 -4.65 10.16 -15.45
C ARG B 24 -4.91 11.24 -14.42
N ALA B 25 -5.45 10.99 -13.22
CA ALA B 25 -5.71 12.16 -12.36
C ALA B 25 -4.61 13.21 -12.28
N THR B 26 -3.43 12.86 -11.75
CA THR B 26 -2.41 13.91 -11.67
C THR B 26 -1.83 14.24 -13.02
N SER B 27 -1.91 13.31 -13.97
CA SER B 27 -1.43 13.57 -15.32
C SER B 27 -2.39 14.60 -15.96
N THR B 28 -3.68 14.46 -15.67
CA THR B 28 -4.69 15.40 -16.18
C THR B 28 -4.50 16.78 -15.57
N ILE B 29 -4.33 16.81 -14.25
CA ILE B 29 -4.14 18.07 -13.53
C ILE B 29 -2.93 18.83 -14.06
N VAL B 30 -1.79 18.14 -14.20
CA VAL B 30 -0.57 18.77 -14.68
C VAL B 30 -0.76 19.28 -16.11
N THR B 31 -1.30 18.42 -16.96
CA THR B 31 -1.56 18.77 -18.35
C THR B 31 -2.47 19.98 -18.47
N ALA B 32 -3.60 19.94 -17.78
CA ALA B 32 -4.56 21.04 -17.84
C ALA B 32 -3.92 22.38 -17.47
N LEU B 33 -3.18 22.41 -16.36
CA LEU B 33 -2.54 23.64 -15.93
C LEU B 33 -1.42 24.04 -16.88
N SER B 34 -0.67 23.05 -17.35
CA SER B 34 0.45 23.31 -18.26
C SER B 34 -0.04 23.85 -19.59
N ASN B 35 -1.31 23.62 -19.91
CA ASN B 35 -1.86 24.10 -21.17
C ASN B 35 -2.72 25.35 -21.02
N GLY B 36 -2.55 26.06 -19.90
CA GLY B 36 -3.29 27.29 -19.70
C GLY B 36 -4.50 27.34 -18.80
N ALA B 37 -4.99 26.20 -18.33
CA ALA B 37 -6.17 26.21 -17.45
C ALA B 37 -5.90 27.09 -16.23
N SER B 38 -6.95 27.75 -15.74
CA SER B 38 -6.83 28.64 -14.58
C SER B 38 -6.59 27.87 -13.29
N GLY B 39 -7.22 26.72 -13.17
CA GLY B 39 -7.07 25.89 -11.99
C GLY B 39 -7.83 24.60 -12.16
N VAL B 40 -7.57 23.64 -11.29
CA VAL B 40 -8.27 22.36 -11.34
C VAL B 40 -8.77 22.08 -9.94
N ILE B 41 -10.09 21.99 -9.82
CA ILE B 41 -10.73 21.77 -8.53
C ILE B 41 -11.15 20.31 -8.34
N PRO B 42 -10.44 19.58 -7.47
CA PRO B 42 -10.83 18.19 -7.25
C PRO B 42 -12.12 18.14 -6.43
N VAL B 43 -13.09 17.36 -6.91
CA VAL B 43 -14.37 17.22 -6.25
C VAL B 43 -14.73 15.73 -6.14
N LYS B 44 -15.35 15.37 -5.03
CA LYS B 44 -15.71 13.97 -4.77
C LYS B 44 -16.82 13.36 -5.62
N THR B 45 -17.99 13.99 -5.64
CA THR B 45 -19.12 13.43 -6.38
C THR B 45 -19.49 14.12 -7.69
N ILE B 46 -20.25 13.40 -8.52
CA ILE B 46 -20.71 13.92 -9.79
C ILE B 46 -21.70 15.05 -9.51
N GLU B 47 -22.47 14.89 -8.43
CA GLU B 47 -23.43 15.91 -8.03
C GLU B 47 -22.73 17.22 -7.74
N GLU B 48 -21.71 17.18 -6.88
CA GLU B 48 -20.95 18.37 -6.53
C GLU B 48 -20.30 18.97 -7.79
N ALA B 49 -19.84 18.10 -8.68
CA ALA B 49 -19.19 18.54 -9.91
C ALA B 49 -20.16 19.33 -10.78
N LEU B 50 -21.25 18.69 -11.15
CA LEU B 50 -22.27 19.32 -11.98
C LEU B 50 -22.83 20.58 -11.32
N GLU B 51 -22.80 20.61 -9.99
CA GLU B 51 -23.32 21.74 -9.24
C GLU B 51 -22.51 23.03 -9.41
N LYS B 52 -21.24 22.88 -9.78
CA LYS B 52 -20.37 24.03 -9.96
C LYS B 52 -20.31 24.56 -11.39
N LYS B 53 -21.15 24.02 -12.28
CA LYS B 53 -21.13 24.47 -13.67
C LYS B 53 -21.47 25.95 -13.83
N LYS B 54 -20.69 26.63 -14.65
CA LYS B 54 -20.84 28.05 -14.95
C LYS B 54 -19.86 28.40 -16.06
N GLU B 55 -20.10 29.51 -16.75
CA GLU B 55 -19.24 29.93 -17.85
C GLU B 55 -17.77 29.99 -17.44
N GLY B 56 -16.89 29.48 -18.31
CA GLY B 56 -15.48 29.47 -18.02
C GLY B 56 -15.13 28.41 -16.99
N VAL B 57 -16.04 27.44 -16.83
CA VAL B 57 -15.85 26.34 -15.87
C VAL B 57 -16.33 25.05 -16.52
N LEU B 58 -15.42 24.09 -16.65
CA LEU B 58 -15.75 22.82 -17.27
C LEU B 58 -15.85 21.68 -16.26
N ILE B 59 -16.92 20.90 -16.38
CA ILE B 59 -17.14 19.77 -15.48
C ILE B 59 -16.43 18.59 -16.12
N CYS B 60 -15.42 18.06 -15.43
CA CYS B 60 -14.64 16.97 -15.98
C CYS B 60 -14.43 15.85 -15.00
N GLY B 61 -14.06 14.69 -15.52
CA GLY B 61 -13.81 13.56 -14.65
C GLY B 61 -14.14 12.23 -15.28
N GLU B 62 -14.33 11.24 -14.42
CA GLU B 62 -14.62 9.90 -14.89
C GLU B 62 -15.27 9.09 -13.78
N ARG B 63 -15.83 7.97 -14.22
CA ARG B 63 -16.47 6.96 -13.38
C ARG B 63 -16.31 5.78 -14.32
N ASN B 64 -15.69 4.72 -13.85
CA ASN B 64 -15.45 3.55 -14.68
C ASN B 64 -14.50 3.95 -15.81
N ALA B 65 -13.73 5.01 -15.56
CA ALA B 65 -12.75 5.55 -16.50
C ALA B 65 -13.36 6.29 -17.69
N GLN B 66 -14.69 6.37 -17.73
CA GLN B 66 -15.37 7.05 -18.83
C GLN B 66 -16.02 8.35 -18.40
N LYS B 67 -16.13 9.31 -19.33
CA LYS B 67 -16.74 10.60 -19.03
C LYS B 67 -18.22 10.47 -18.66
N PRO B 68 -18.60 10.91 -17.44
CA PRO B 68 -19.98 10.85 -16.98
C PRO B 68 -20.94 11.59 -17.90
N LYS B 69 -22.22 11.27 -17.79
CA LYS B 69 -23.24 11.92 -18.60
C LYS B 69 -23.35 13.39 -18.22
N GLY B 70 -23.40 14.25 -19.23
CA GLY B 70 -23.53 15.68 -18.97
C GLY B 70 -22.23 16.41 -18.68
N PHE B 71 -21.12 15.69 -18.75
CA PHE B 71 -19.81 16.30 -18.50
C PHE B 71 -19.20 16.87 -19.77
N ASN B 72 -18.31 17.85 -19.61
CA ASN B 72 -17.64 18.48 -20.74
C ASN B 72 -16.44 17.68 -21.24
N LEU B 73 -15.64 17.17 -20.30
CA LEU B 73 -14.46 16.39 -20.64
C LEU B 73 -14.34 15.14 -19.75
N GLY B 74 -13.59 14.15 -20.23
CA GLY B 74 -13.39 12.93 -19.45
C GLY B 74 -12.10 13.08 -18.67
N ASN B 75 -11.39 11.98 -18.41
CA ASN B 75 -10.13 12.06 -17.67
C ASN B 75 -8.93 11.66 -18.50
N SER B 76 -9.00 11.91 -19.81
CA SER B 76 -7.89 11.63 -20.71
C SER B 76 -7.10 12.93 -20.84
N PRO B 77 -5.83 12.92 -20.42
CA PRO B 77 -5.01 14.14 -20.52
C PRO B 77 -5.00 14.75 -21.92
N LEU B 78 -5.17 13.91 -22.93
CA LEU B 78 -5.16 14.34 -24.32
C LEU B 78 -6.32 15.26 -24.71
N GLU B 79 -7.36 15.29 -23.88
CA GLU B 79 -8.53 16.14 -24.14
C GLU B 79 -8.28 17.58 -23.69
N TYR B 80 -7.30 17.76 -22.82
CA TYR B 80 -7.00 19.07 -22.27
C TYR B 80 -6.03 19.91 -23.09
N ARG B 81 -6.42 20.20 -24.33
CA ARG B 81 -5.60 21.00 -25.23
C ARG B 81 -5.82 22.47 -24.92
N LYS B 82 -4.83 23.29 -25.23
CA LYS B 82 -4.92 24.73 -24.98
C LYS B 82 -6.18 25.35 -25.57
N GLU B 83 -6.46 25.01 -26.82
CA GLU B 83 -7.62 25.55 -27.53
C GLU B 83 -8.93 25.32 -26.80
N LYS B 84 -8.98 24.28 -25.97
CA LYS B 84 -10.21 23.95 -25.25
C LYS B 84 -10.31 24.36 -23.78
N ILE B 85 -9.17 24.51 -23.11
CA ILE B 85 -9.20 24.85 -21.68
C ILE B 85 -8.46 26.11 -21.24
N SER B 86 -7.68 26.69 -22.14
CA SER B 86 -6.92 27.88 -21.80
C SER B 86 -7.79 28.93 -21.08
N GLY B 87 -7.30 29.40 -19.94
CA GLY B 87 -8.02 30.41 -19.18
C GLY B 87 -9.34 29.94 -18.58
N LYS B 88 -9.56 28.63 -18.55
CA LYS B 88 -10.79 28.08 -18.01
C LYS B 88 -10.52 27.33 -16.71
N THR B 89 -11.54 27.27 -15.86
CA THR B 89 -11.42 26.57 -14.59
C THR B 89 -11.94 25.15 -14.79
N ILE B 90 -11.17 24.18 -14.30
CA ILE B 90 -11.55 22.78 -14.44
C ILE B 90 -12.00 22.18 -13.12
N VAL B 91 -13.22 21.64 -13.09
CA VAL B 91 -13.71 20.96 -11.90
C VAL B 91 -13.46 19.51 -12.24
N LEU B 92 -12.65 18.83 -11.43
CA LEU B 92 -12.31 17.44 -11.71
C LEU B 92 -12.78 16.44 -10.65
N THR B 93 -13.53 15.44 -11.09
CA THR B 93 -13.99 14.42 -10.17
C THR B 93 -13.63 13.05 -10.70
N THR B 94 -12.89 12.29 -9.91
CA THR B 94 -12.51 10.95 -10.31
C THR B 94 -12.87 10.01 -9.18
N THR B 95 -12.85 8.71 -9.47
CA THR B 95 -13.18 7.70 -8.48
C THR B 95 -12.24 7.80 -7.28
N ASN B 96 -12.76 8.31 -6.17
CA ASN B 96 -11.99 8.46 -4.94
C ASN B 96 -10.90 9.51 -5.02
N GLY B 97 -11.06 10.46 -5.93
CA GLY B 97 -10.05 11.51 -6.10
C GLY B 97 -9.83 12.38 -4.88
N THR B 98 -10.90 12.94 -4.33
CA THR B 98 -10.77 13.80 -3.16
C THR B 98 -10.43 12.95 -1.95
N GLN B 99 -10.85 11.69 -1.98
CA GLN B 99 -10.59 10.77 -0.86
C GLN B 99 -9.13 10.70 -0.45
N VAL B 100 -8.23 10.55 -1.41
CA VAL B 100 -6.82 10.48 -1.11
C VAL B 100 -6.29 11.83 -0.67
N ILE B 101 -6.78 12.89 -1.32
CA ILE B 101 -6.35 14.23 -0.99
C ILE B 101 -6.81 14.65 0.42
N GLU B 102 -8.02 14.25 0.80
CA GLU B 102 -8.56 14.61 2.11
C GLU B 102 -7.88 13.93 3.30
N LYS B 103 -7.08 12.90 3.06
CA LYS B 103 -6.39 12.21 4.15
C LYS B 103 -4.99 12.79 4.34
N ILE B 104 -4.75 13.94 3.72
CA ILE B 104 -3.45 14.57 3.80
C ILE B 104 -3.45 15.81 4.70
N ARG B 105 -2.57 15.80 5.71
CA ARG B 105 -2.44 16.92 6.60
C ARG B 105 -1.02 17.44 6.38
N SER B 106 -0.90 18.59 5.72
CA SER B 106 0.43 19.14 5.44
C SER B 106 0.39 20.63 5.15
N GLU B 107 1.58 21.20 4.97
CA GLU B 107 1.72 22.62 4.68
C GLU B 107 1.62 22.85 3.18
N GLU B 108 1.71 21.76 2.40
CA GLU B 108 1.60 21.89 0.95
C GLU B 108 1.40 20.55 0.27
N ILE B 109 0.58 20.58 -0.77
CA ILE B 109 0.28 19.39 -1.56
C ILE B 109 0.50 19.73 -3.04
N ILE B 110 1.43 19.04 -3.66
CA ILE B 110 1.73 19.26 -5.07
C ILE B 110 1.35 18.00 -5.85
N ALA B 111 1.12 18.16 -7.15
CA ALA B 111 0.73 17.05 -8.01
C ALA B 111 1.91 16.61 -8.87
N ALA B 112 2.21 15.31 -8.82
CA ALA B 112 3.31 14.75 -9.59
C ALA B 112 2.88 13.69 -10.60
N SER B 113 3.53 13.73 -11.77
CA SER B 113 3.28 12.77 -12.85
C SER B 113 4.62 12.56 -13.57
N PHE B 114 4.66 11.66 -14.53
CA PHE B 114 5.89 11.46 -15.28
C PHE B 114 6.07 12.72 -16.12
N LEU B 115 4.94 13.31 -16.53
CA LEU B 115 4.94 14.52 -17.35
C LEU B 115 5.74 15.70 -16.78
N ASN B 116 5.81 15.80 -15.45
CA ASN B 116 6.55 16.89 -14.82
C ASN B 116 7.48 16.36 -13.75
N LEU B 117 8.00 15.16 -13.96
CA LEU B 117 8.90 14.49 -13.02
C LEU B 117 10.09 15.35 -12.58
N SER B 118 10.91 15.75 -13.53
CA SER B 118 12.10 16.55 -13.22
C SER B 118 11.79 17.82 -12.45
N ALA B 119 10.69 18.50 -12.80
CA ALA B 119 10.30 19.72 -12.12
C ALA B 119 9.93 19.44 -10.67
N VAL B 120 9.22 18.34 -10.44
CA VAL B 120 8.84 17.97 -9.08
C VAL B 120 10.10 17.66 -8.26
N VAL B 121 11.00 16.88 -8.86
CA VAL B 121 12.23 16.51 -8.17
C VAL B 121 13.00 17.76 -7.74
N GLU B 122 13.09 18.73 -8.64
CA GLU B 122 13.80 19.97 -8.36
C GLU B 122 13.14 20.76 -7.23
N TYR B 123 11.81 20.71 -7.18
CA TYR B 123 11.08 21.42 -6.15
C TYR B 123 11.25 20.78 -4.79
N LEU B 124 11.39 19.45 -4.78
CA LEU B 124 11.53 18.69 -3.54
C LEU B 124 12.94 18.59 -2.99
N LYS B 125 13.95 18.76 -3.85
CA LYS B 125 15.34 18.67 -3.42
C LYS B 125 15.65 19.45 -2.14
N SER B 126 14.98 20.59 -1.96
CA SER B 126 15.25 21.41 -0.79
C SER B 126 14.31 21.10 0.38
N LYS B 127 13.26 20.34 0.10
CA LYS B 127 12.28 20.01 1.13
C LYS B 127 12.70 18.89 2.08
N GLU B 128 12.26 19.02 3.33
CA GLU B 128 12.54 18.03 4.35
C GLU B 128 11.18 17.46 4.74
N ASP B 129 11.14 16.21 5.17
CA ASP B 129 9.88 15.56 5.55
C ASP B 129 8.93 15.59 4.35
N ILE B 130 9.15 14.64 3.46
CA ILE B 130 8.36 14.50 2.25
C ILE B 130 7.61 13.18 2.28
N LEU B 131 6.35 13.21 1.89
CA LEU B 131 5.54 12.00 1.83
C LEU B 131 4.93 11.90 0.43
N LEU B 132 5.28 10.84 -0.30
CA LEU B 132 4.73 10.64 -1.64
C LEU B 132 3.47 9.80 -1.45
N VAL B 133 2.32 10.38 -1.78
CA VAL B 133 1.04 9.70 -1.62
C VAL B 133 0.47 9.17 -2.92
N CYS B 134 0.54 7.85 -3.10
CA CYS B 134 0.03 7.21 -4.32
C CYS B 134 -1.46 6.94 -4.10
N ALA B 135 -2.28 7.34 -5.06
CA ALA B 135 -3.74 7.17 -4.94
C ALA B 135 -4.19 5.71 -4.97
N GLY B 136 -3.49 4.88 -5.73
CA GLY B 136 -3.88 3.49 -5.83
C GLY B 136 -5.08 3.39 -6.75
N THR B 137 -5.60 2.18 -6.96
CA THR B 137 -6.76 2.01 -7.83
C THR B 137 -7.85 1.18 -7.14
N ASN B 138 -8.94 1.86 -6.79
CA ASN B 138 -10.06 1.21 -6.12
C ASN B 138 -9.58 0.45 -4.90
N GLY B 139 -8.64 1.05 -4.17
CA GLY B 139 -8.10 0.42 -2.98
C GLY B 139 -6.97 -0.55 -3.22
N ARG B 140 -6.66 -0.82 -4.48
CA ARG B 140 -5.57 -1.75 -4.81
C ARG B 140 -4.26 -1.06 -5.15
N PHE B 141 -3.20 -1.85 -5.20
CA PHE B 141 -1.87 -1.35 -5.49
C PHE B 141 -1.79 -0.85 -6.94
N SER B 142 -1.22 0.34 -7.12
CA SER B 142 -1.04 0.93 -8.46
C SER B 142 0.44 0.91 -8.85
N LEU B 143 0.77 0.04 -9.80
CA LEU B 143 2.16 -0.07 -10.25
C LEU B 143 2.73 1.24 -10.79
N GLU B 144 1.96 1.93 -11.63
CA GLU B 144 2.43 3.18 -12.23
C GLU B 144 2.69 4.27 -11.18
N ASP B 145 1.83 4.33 -10.16
CA ASP B 145 2.02 5.31 -9.09
C ASP B 145 3.30 4.98 -8.33
N PHE B 146 3.45 3.71 -7.98
CA PHE B 146 4.60 3.21 -7.24
C PHE B 146 5.88 3.45 -8.05
N LEU B 147 5.79 3.25 -9.36
CA LEU B 147 6.94 3.44 -10.23
C LEU B 147 7.40 4.90 -10.22
N LEU B 148 6.46 5.83 -10.33
CA LEU B 148 6.81 7.25 -10.32
C LEU B 148 7.40 7.63 -8.97
N ALA B 149 6.85 7.07 -7.90
CA ALA B 149 7.36 7.35 -6.57
C ALA B 149 8.81 6.90 -6.50
N GLY B 150 9.08 5.71 -7.02
CA GLY B 150 10.44 5.19 -7.00
C GLY B 150 11.41 6.06 -7.78
N ALA B 151 10.96 6.56 -8.92
CA ALA B 151 11.79 7.42 -9.76
C ALA B 151 12.09 8.73 -9.03
N ILE B 152 11.10 9.25 -8.31
CA ILE B 152 11.29 10.49 -7.58
C ILE B 152 12.30 10.25 -6.46
N VAL B 153 12.10 9.18 -5.70
CA VAL B 153 12.98 8.83 -4.59
C VAL B 153 14.43 8.67 -5.05
N LYS B 154 14.64 7.89 -6.10
CA LYS B 154 15.98 7.65 -6.65
C LYS B 154 16.71 8.95 -6.96
N ARG B 155 16.01 9.87 -7.59
CA ARG B 155 16.59 11.15 -7.97
C ARG B 155 16.77 12.17 -6.86
N LEU B 156 16.23 11.87 -5.69
CA LEU B 156 16.36 12.77 -4.55
C LEU B 156 17.67 12.47 -3.82
N LYS B 157 18.20 11.27 -4.06
CA LYS B 157 19.46 10.82 -3.46
C LYS B 157 19.52 11.05 -1.95
N ARG B 158 18.53 10.52 -1.24
CA ARG B 158 18.46 10.63 0.22
C ARG B 158 18.74 9.27 0.82
N ASN B 159 19.24 9.26 2.05
CA ASN B 159 19.52 8.00 2.73
C ASN B 159 18.47 7.78 3.82
N ASP B 160 17.75 8.85 4.15
CA ASP B 160 16.70 8.78 5.17
C ASP B 160 15.39 8.38 4.49
N LEU B 161 15.28 7.09 4.13
CA LEU B 161 14.11 6.59 3.45
C LEU B 161 13.24 5.62 4.26
N GLY B 162 11.93 5.89 4.27
CA GLY B 162 10.99 5.03 4.96
C GLY B 162 10.86 3.75 4.14
N ASP B 163 10.23 2.73 4.72
CA ASP B 163 10.05 1.43 4.06
C ASP B 163 9.48 1.56 2.64
N GLY B 164 8.44 2.38 2.50
CA GLY B 164 7.80 2.55 1.20
C GLY B 164 8.71 3.16 0.16
N ALA B 165 9.49 4.17 0.57
CA ALA B 165 10.40 4.84 -0.34
C ALA B 165 11.50 3.89 -0.76
N HIS B 166 11.98 3.08 0.18
CA HIS B 166 13.03 2.11 -0.12
C HIS B 166 12.56 1.06 -1.13
N ALA B 167 11.38 0.50 -0.88
CA ALA B 167 10.85 -0.53 -1.77
C ALA B 167 10.58 0.04 -3.16
N ALA B 168 10.06 1.27 -3.21
CA ALA B 168 9.74 1.93 -4.49
C ALA B 168 11.02 2.20 -5.28
N GLU B 169 12.06 2.64 -4.59
CA GLU B 169 13.33 2.92 -5.27
C GLU B 169 13.91 1.61 -5.82
N ARG B 170 13.96 0.57 -4.99
CA ARG B 170 14.48 -0.71 -5.45
C ARG B 170 13.66 -1.21 -6.64
N TYR B 171 12.34 -1.12 -6.54
CA TYR B 171 11.50 -1.57 -7.64
C TYR B 171 11.88 -0.78 -8.90
N PHE B 172 11.96 0.55 -8.77
CA PHE B 172 12.30 1.41 -9.89
C PHE B 172 13.62 1.04 -10.56
N GLU B 173 14.60 0.61 -9.77
CA GLU B 173 15.90 0.23 -10.31
C GLU B 173 15.83 -1.05 -11.15
N SER B 174 14.77 -1.83 -10.98
CA SER B 174 14.61 -3.07 -11.74
C SER B 174 13.94 -2.84 -13.10
N VAL B 175 13.42 -1.65 -13.31
CA VAL B 175 12.71 -1.33 -14.55
C VAL B 175 13.59 -0.86 -15.70
N GLU B 176 13.48 -1.56 -16.83
CA GLU B 176 14.27 -1.20 -18.01
C GLU B 176 13.57 -0.16 -18.87
N ASN B 177 12.25 -0.25 -18.96
CA ASN B 177 11.46 0.69 -19.75
C ASN B 177 10.16 0.97 -19.03
N THR B 178 10.02 2.19 -18.50
CA THR B 178 8.83 2.60 -17.76
C THR B 178 7.54 2.31 -18.52
N ARG B 179 7.45 2.86 -19.74
CA ARG B 179 6.27 2.67 -20.57
C ARG B 179 5.88 1.20 -20.76
N GLU B 180 6.85 0.37 -21.13
CA GLU B 180 6.60 -1.06 -21.34
C GLU B 180 6.22 -1.76 -20.05
N GLU B 181 6.89 -1.38 -18.97
CA GLU B 181 6.64 -1.96 -17.65
C GLU B 181 5.18 -1.76 -17.30
N ILE B 182 4.72 -0.53 -17.46
CA ILE B 182 3.34 -0.17 -17.15
C ILE B 182 2.32 -0.84 -18.08
N LYS B 183 2.62 -0.93 -19.37
CA LYS B 183 1.69 -1.57 -20.30
C LYS B 183 1.53 -3.06 -20.00
N LYS B 184 2.63 -3.71 -19.63
CA LYS B 184 2.62 -5.13 -19.34
C LYS B 184 2.19 -5.56 -17.94
N HIS B 185 2.33 -4.69 -16.94
CA HIS B 185 2.01 -5.11 -15.57
C HIS B 185 1.03 -4.29 -14.75
N SER B 186 0.53 -3.20 -15.30
CA SER B 186 -0.44 -2.39 -14.59
C SER B 186 -1.85 -2.86 -14.98
N SER B 187 -2.62 -3.35 -14.01
CA SER B 187 -3.96 -3.81 -14.30
C SER B 187 -4.83 -2.63 -14.75
N HIS B 188 -4.61 -1.45 -14.17
CA HIS B 188 -5.38 -0.30 -14.59
C HIS B 188 -5.01 0.13 -16.01
N ALA B 189 -3.72 0.01 -16.36
CA ALA B 189 -3.30 0.36 -17.71
C ALA B 189 -4.08 -0.53 -18.68
N LYS B 190 -4.17 -1.81 -18.33
CA LYS B 190 -4.91 -2.79 -19.14
C LYS B 190 -6.36 -2.35 -19.32
N ARG B 191 -7.00 -1.99 -18.22
CA ARG B 191 -8.38 -1.55 -18.30
C ARG B 191 -8.54 -0.37 -19.24
N LEU B 192 -7.63 0.59 -19.13
CA LEU B 192 -7.67 1.78 -19.98
C LEU B 192 -7.48 1.38 -21.45
N ILE B 193 -6.56 0.45 -21.71
CA ILE B 193 -6.32 0.01 -23.07
C ILE B 193 -7.57 -0.70 -23.60
N SER B 194 -8.19 -1.52 -22.75
CA SER B 194 -9.38 -2.26 -23.17
C SER B 194 -10.55 -1.34 -23.52
N LEU B 195 -10.56 -0.12 -22.97
CA LEU B 195 -11.62 0.84 -23.26
C LEU B 195 -11.26 1.77 -24.40
N GLY B 196 -10.07 1.56 -24.97
CA GLY B 196 -9.62 2.38 -26.08
C GLY B 196 -8.77 3.58 -25.73
N PHE B 197 -8.19 3.60 -24.52
CA PHE B 197 -7.36 4.73 -24.09
C PHE B 197 -5.86 4.43 -24.13
N GLU B 198 -5.42 3.54 -25.00
CA GLU B 198 -3.99 3.22 -25.03
C GLU B 198 -3.13 4.47 -25.25
N ASN B 199 -3.61 5.43 -26.03
CA ASN B 199 -2.85 6.65 -26.27
C ASN B 199 -2.55 7.38 -24.95
N ASP B 200 -3.46 7.28 -23.97
CA ASP B 200 -3.25 7.92 -22.67
C ASP B 200 -2.06 7.32 -21.94
N ILE B 201 -1.87 6.01 -22.09
CA ILE B 201 -0.76 5.35 -21.41
C ILE B 201 0.57 5.87 -21.95
N GLU B 202 0.62 6.09 -23.26
CA GLU B 202 1.84 6.56 -23.88
C GLU B 202 2.12 8.01 -23.49
N PHE B 203 1.06 8.82 -23.46
CA PHE B 203 1.21 10.22 -23.09
C PHE B 203 1.61 10.32 -21.62
N CYS B 204 0.90 9.59 -20.76
CA CYS B 204 1.17 9.62 -19.33
C CYS B 204 2.51 9.05 -18.92
N THR B 205 3.19 8.34 -19.83
CA THR B 205 4.50 7.78 -19.52
C THR B 205 5.60 8.56 -20.25
N THR B 206 5.23 9.74 -20.74
CA THR B 206 6.18 10.60 -21.44
C THR B 206 6.78 11.50 -20.38
N GLU B 207 8.08 11.38 -20.16
CA GLU B 207 8.75 12.15 -19.13
C GLU B 207 9.16 13.56 -19.50
N ASP B 208 8.87 14.47 -18.58
CA ASP B 208 9.22 15.88 -18.70
C ASP B 208 8.75 16.61 -19.94
N LEU B 209 7.52 16.31 -20.35
CA LEU B 209 6.94 17.00 -21.48
C LEU B 209 6.64 18.39 -20.95
N PHE B 210 6.44 18.48 -19.63
CA PHE B 210 6.16 19.74 -18.96
C PHE B 210 7.15 20.04 -17.84
N LYS B 211 7.21 21.30 -17.42
CA LYS B 211 8.14 21.72 -16.37
C LYS B 211 7.43 22.47 -15.25
N THR B 212 6.14 22.20 -15.09
CA THR B 212 5.33 22.85 -14.06
C THR B 212 5.18 22.02 -12.78
N VAL B 213 4.64 22.65 -11.73
CA VAL B 213 4.43 22.00 -10.44
C VAL B 213 3.15 22.50 -9.79
N PRO B 214 2.02 21.81 -10.04
CA PRO B 214 0.75 22.22 -9.46
C PRO B 214 0.78 22.07 -7.95
N ALA B 215 0.13 23.00 -7.25
CA ALA B 215 0.07 22.97 -5.81
C ALA B 215 -1.38 23.24 -5.43
N LEU B 216 -1.87 22.51 -4.43
CA LEU B 216 -3.25 22.69 -3.98
C LEU B 216 -3.32 23.92 -3.09
N VAL B 217 -3.92 24.98 -3.60
CA VAL B 217 -4.05 26.20 -2.83
C VAL B 217 -5.52 26.54 -2.64
N ASN B 218 -5.97 26.44 -1.39
CA ASN B 218 -7.34 26.70 -1.02
C ASN B 218 -8.33 25.85 -1.80
N GLY B 219 -8.04 24.55 -1.88
CA GLY B 219 -8.91 23.63 -2.58
C GLY B 219 -8.78 23.66 -4.09
N VAL B 220 -7.79 24.37 -4.60
CA VAL B 220 -7.59 24.45 -6.03
C VAL B 220 -6.14 24.27 -6.44
N PHE B 221 -5.91 23.38 -7.41
CA PHE B 221 -4.57 23.15 -7.92
C PHE B 221 -4.26 24.28 -8.89
N ILE B 222 -3.18 25.02 -8.62
CA ILE B 222 -2.76 26.10 -9.49
C ILE B 222 -1.26 26.00 -9.65
N LEU B 223 -0.69 26.81 -10.54
CA LEU B 223 0.75 26.75 -10.75
C LEU B 223 1.50 27.67 -9.80
N LYS B 224 2.67 27.19 -9.37
CA LYS B 224 3.52 27.95 -8.46
C LYS B 224 4.84 28.24 -9.16
N GLU B 225 5.50 29.32 -8.80
CA GLU B 225 6.78 29.66 -9.42
C GLU B 225 7.85 28.67 -9.00
#